data_5AL7
#
_entry.id   5AL7
#
_cell.length_a   47.130
_cell.length_b   64.740
_cell.length_c   123.730
_cell.angle_alpha   90.00
_cell.angle_beta   98.91
_cell.angle_gamma   90.00
#
_symmetry.space_group_name_H-M   'P 1 2 1'
#
loop_
_entity.id
_entity.type
_entity.pdbx_description
1 polymer 'SPINDLE ASSEMBLY ABNORMAL PROTEIN 6 HOMOLOG'
2 non-polymer 'NITRATE ION'
3 water water
#
_entity_poly.entity_id   1
_entity_poly.type   'polypeptide(L)'
_entity_poly.pdbx_seq_one_letter_code
;GPMGWPPGSEDSYSAKMDYGKSVVNILPSVEMLVNFNGDMTRSSKRSCLLYAERVDFKELLQLRLTEKSDQRRMYITTVD
SASFQDLKQDQSLNVSFSGFIDNVVRMLKDCQSGKLELHLTTRDQNLSSGREVHDYYLQFVEIRSDKNLVHLSLPCRSAP
LNTVLFYINSMLEASHKKQYILEQSMQQMQAEINAQRAHAERLTTENTNLREALAENTR
;
_entity_poly.pdbx_strand_id   A,B
#
loop_
_chem_comp.id
_chem_comp.type
_chem_comp.name
_chem_comp.formula
NO3 non-polymer 'NITRATE ION' 'N O3 -1'
#
# COMPACT_ATOMS: atom_id res chain seq x y z
N SER A 12 -14.53 -17.08 -0.46
CA SER A 12 -14.94 -17.56 -1.78
C SER A 12 -13.73 -17.70 -2.69
N TYR A 13 -13.96 -18.25 -3.88
CA TYR A 13 -12.87 -18.53 -4.81
C TYR A 13 -12.88 -17.55 -5.98
N SER A 14 -11.70 -17.10 -6.37
CA SER A 14 -11.55 -16.28 -7.57
C SER A 14 -10.14 -16.34 -8.09
N ALA A 15 -10.05 -16.28 -9.41
CA ALA A 15 -8.79 -16.35 -10.10
C ALA A 15 -7.91 -15.17 -9.72
N LYS A 16 -6.69 -15.48 -9.29
CA LYS A 16 -5.67 -14.50 -8.99
C LYS A 16 -4.61 -14.59 -10.06
N MET A 17 -4.19 -13.45 -10.58
CA MET A 17 -3.13 -13.42 -11.58
C MET A 17 -1.76 -13.46 -10.90
N ASP A 18 -1.52 -14.56 -10.19
CA ASP A 18 -0.26 -14.78 -9.49
C ASP A 18 0.68 -15.66 -10.31
N TYR A 19 1.12 -15.14 -11.46
CA TYR A 19 1.96 -15.93 -12.36
C TYR A 19 3.31 -15.26 -12.58
N GLY A 20 3.69 -14.35 -11.69
CA GLY A 20 5.01 -13.76 -11.72
C GLY A 20 5.31 -13.09 -13.04
N LYS A 21 6.50 -13.38 -13.56
CA LYS A 21 6.99 -12.73 -14.75
C LYS A 21 6.15 -13.04 -15.99
N SER A 22 5.27 -14.04 -15.90
CA SER A 22 4.37 -14.38 -17.01
C SER A 22 3.18 -13.44 -17.13
N VAL A 23 2.98 -12.59 -16.12
CA VAL A 23 1.93 -11.59 -16.16
C VAL A 23 2.32 -10.42 -17.07
N VAL A 24 1.52 -10.20 -18.10
CA VAL A 24 1.76 -9.16 -19.08
C VAL A 24 0.67 -8.08 -19.00
N ASN A 25 1.07 -6.83 -18.83
CA ASN A 25 0.11 -5.72 -18.83
C ASN A 25 -0.32 -5.39 -20.25
N ILE A 26 -1.53 -5.81 -20.63
CA ILE A 26 -1.97 -5.63 -22.01
C ILE A 26 -2.29 -4.16 -22.29
N LEU A 27 -2.46 -3.40 -21.22
CA LEU A 27 -2.74 -1.97 -21.27
C LEU A 27 -2.31 -1.34 -19.97
N PRO A 28 -1.65 -0.17 -20.02
CA PRO A 28 -1.25 0.47 -18.77
C PRO A 28 -2.48 0.86 -17.93
N SER A 29 -2.36 0.65 -16.62
CA SER A 29 -3.42 0.94 -15.67
C SER A 29 -3.88 2.40 -15.79
N VAL A 30 -5.18 2.60 -15.95
CA VAL A 30 -5.67 3.97 -16.15
C VAL A 30 -6.91 4.28 -15.37
N GLU A 31 -7.17 5.57 -15.16
CA GLU A 31 -8.41 6.03 -14.57
C GLU A 31 -9.50 6.18 -15.63
N MET A 32 -10.69 5.67 -15.35
CA MET A 32 -11.77 5.62 -16.31
C MET A 32 -13.09 5.94 -15.65
N LEU A 33 -13.94 6.72 -16.30
CA LEU A 33 -15.28 6.99 -15.76
C LEU A 33 -16.19 5.85 -16.24
N VAL A 34 -16.75 5.11 -15.29
CA VAL A 34 -17.52 3.91 -15.57
C VAL A 34 -18.97 4.09 -15.17
N ASN A 35 -19.86 3.55 -15.99
CA ASN A 35 -21.29 3.56 -15.68
C ASN A 35 -21.71 2.37 -14.84
N PHE A 36 -22.43 2.65 -13.75
CA PHE A 36 -22.94 1.60 -12.87
C PHE A 36 -24.44 1.42 -13.06
N ASN A 37 -24.76 0.34 -13.78
CA ASN A 37 -26.07 -0.23 -14.05
C ASN A 37 -27.01 0.43 -15.08
N GLY A 38 -28.04 -0.31 -15.46
CA GLY A 38 -28.87 -0.05 -16.64
C GLY A 38 -29.72 1.19 -16.72
N ASP A 39 -30.83 1.20 -15.99
CA ASP A 39 -31.76 2.32 -15.93
C ASP A 39 -31.08 3.62 -15.47
N MET A 40 -30.97 4.61 -16.36
CA MET A 40 -30.24 5.86 -16.10
C MET A 40 -30.83 6.71 -14.95
N THR A 41 -32.05 6.39 -14.54
CA THR A 41 -32.62 7.06 -13.38
C THR A 41 -32.13 6.42 -12.06
N ARG A 42 -31.70 5.16 -12.14
CA ARG A 42 -31.25 4.38 -10.98
C ARG A 42 -29.76 4.00 -11.05
N SER A 43 -29.05 4.61 -11.99
CA SER A 43 -27.64 4.33 -12.24
C SER A 43 -26.70 5.30 -11.54
N SER A 44 -25.42 5.20 -11.88
CA SER A 44 -24.46 6.20 -11.39
C SER A 44 -23.19 6.18 -12.24
N LYS A 45 -22.44 7.27 -12.27
CA LYS A 45 -21.17 7.29 -12.99
C LYS A 45 -20.05 7.55 -12.03
N ARG A 46 -19.13 6.58 -11.90
CA ARG A 46 -18.07 6.65 -10.88
C ARG A 46 -16.67 6.60 -11.49
N SER A 47 -15.71 7.23 -10.83
CA SER A 47 -14.31 7.12 -11.27
C SER A 47 -13.68 5.82 -10.79
N CYS A 48 -13.26 5.00 -11.76
CA CYS A 48 -12.63 3.72 -11.48
C CYS A 48 -11.20 3.67 -11.99
N LEU A 49 -10.50 2.60 -11.62
CA LEU A 49 -9.16 2.31 -12.08
C LEU A 49 -9.20 0.96 -12.76
N LEU A 50 -8.78 0.93 -14.02
CA LEU A 50 -8.77 -0.32 -14.76
C LEU A 50 -7.37 -0.88 -14.92
N TYR A 51 -7.29 -2.18 -14.66
CA TYR A 51 -6.10 -3.01 -14.76
C TYR A 51 -6.34 -4.13 -15.76
N ALA A 52 -5.60 -4.15 -16.86
CA ALA A 52 -5.82 -5.20 -17.85
C ALA A 52 -4.57 -6.06 -18.05
N GLU A 53 -4.64 -7.34 -17.70
CA GLU A 53 -3.43 -8.16 -17.87
C GLU A 53 -3.71 -9.61 -18.30
N ARG A 54 -2.78 -10.20 -19.03
CA ARG A 54 -2.91 -11.59 -19.49
C ARG A 54 -1.69 -12.46 -19.11
N VAL A 55 -1.82 -13.77 -19.30
CA VAL A 55 -0.72 -14.69 -19.05
C VAL A 55 -0.03 -15.04 -20.39
N ASP A 56 1.30 -15.08 -20.38
CA ASP A 56 2.04 -15.27 -21.62
C ASP A 56 2.02 -16.72 -22.15
N PHE A 57 2.02 -17.69 -21.24
CA PHE A 57 2.12 -19.09 -21.61
C PHE A 57 0.78 -19.81 -21.81
N LYS A 58 -0.30 -19.18 -21.40
CA LYS A 58 -1.64 -19.76 -21.58
C LYS A 58 -2.69 -18.69 -21.89
N GLU A 59 -3.76 -19.09 -22.55
CA GLU A 59 -4.85 -18.17 -22.85
C GLU A 59 -5.61 -17.86 -21.57
N LEU A 60 -5.27 -16.72 -20.97
CA LEU A 60 -5.93 -16.29 -19.76
C LEU A 60 -5.90 -14.77 -19.65
N LEU A 61 -7.08 -14.18 -19.62
CA LEU A 61 -7.20 -12.73 -19.53
C LEU A 61 -7.94 -12.29 -18.28
N GLN A 62 -7.41 -11.30 -17.59
CA GLN A 62 -8.15 -10.73 -16.47
C GLN A 62 -8.22 -9.22 -16.55
N LEU A 63 -9.43 -8.72 -16.33
CA LEU A 63 -9.71 -7.28 -16.24
C LEU A 63 -10.17 -6.96 -14.84
N ARG A 64 -9.45 -6.09 -14.15
CA ARG A 64 -9.83 -5.67 -12.82
C ARG A 64 -10.28 -4.23 -12.81
N LEU A 65 -11.42 -4.00 -12.17
CA LEU A 65 -11.99 -2.67 -12.05
C LEU A 65 -12.12 -2.29 -10.58
N THR A 66 -11.49 -1.20 -10.18
CA THR A 66 -11.56 -0.78 -8.77
C THR A 66 -12.17 0.62 -8.65
N GLU A 67 -12.98 0.86 -7.63
CA GLU A 67 -13.47 2.21 -7.41
C GLU A 67 -12.35 3.06 -6.82
N LYS A 68 -12.01 4.16 -7.48
CA LYS A 68 -10.85 4.97 -7.09
C LYS A 68 -10.88 5.35 -5.62
N SER A 69 -12.05 5.75 -5.13
CA SER A 69 -12.26 6.20 -3.76
C SER A 69 -12.02 5.09 -2.73
N ASP A 70 -12.38 3.87 -3.09
CA ASP A 70 -12.14 2.71 -2.23
C ASP A 70 -11.80 1.51 -3.09
N GLN A 71 -10.50 1.23 -3.22
CA GLN A 71 -10.05 0.16 -4.11
C GLN A 71 -10.41 -1.22 -3.59
N ARG A 72 -10.99 -1.28 -2.39
CA ARG A 72 -11.53 -2.53 -1.85
C ARG A 72 -12.77 -2.95 -2.61
N ARG A 73 -13.42 -1.98 -3.27
CA ARG A 73 -14.57 -2.24 -4.13
C ARG A 73 -14.10 -2.72 -5.50
N MET A 74 -13.87 -4.03 -5.60
CA MET A 74 -13.26 -4.63 -6.78
C MET A 74 -14.18 -5.57 -7.56
N TYR A 75 -14.12 -5.43 -8.88
CA TYR A 75 -14.94 -6.22 -9.80
C TYR A 75 -14.00 -6.86 -10.81
N ILE A 76 -14.08 -8.17 -10.93
CA ILE A 76 -13.11 -8.89 -11.73
C ILE A 76 -13.76 -9.68 -12.85
N THR A 77 -13.20 -9.56 -14.05
CA THR A 77 -13.59 -10.40 -15.18
C THR A 77 -12.45 -11.29 -15.63
N THR A 78 -12.65 -12.60 -15.57
CA THR A 78 -11.59 -13.53 -15.99
C THR A 78 -12.07 -14.45 -17.09
N VAL A 79 -11.45 -14.35 -18.27
CA VAL A 79 -11.84 -15.20 -19.38
C VAL A 79 -10.65 -16.05 -19.85
N ASP A 80 -10.84 -17.36 -19.86
CA ASP A 80 -9.83 -18.30 -20.34
C ASP A 80 -10.28 -18.90 -21.67
N SER A 81 -9.66 -20.01 -22.09
CA SER A 81 -9.99 -20.63 -23.37
C SER A 81 -11.44 -21.08 -23.48
N ALA A 82 -11.90 -21.82 -22.47
CA ALA A 82 -13.26 -22.33 -22.48
C ALA A 82 -14.27 -21.18 -22.47
N SER A 83 -14.06 -20.25 -21.54
CA SER A 83 -14.91 -19.07 -21.41
C SER A 83 -14.96 -18.34 -22.73
N PHE A 84 -13.80 -18.24 -23.37
CA PHE A 84 -13.72 -17.53 -24.64
C PHE A 84 -14.51 -18.26 -25.71
N GLN A 85 -14.53 -19.57 -25.66
CA GLN A 85 -15.34 -20.31 -26.62
C GLN A 85 -16.82 -20.02 -26.42
N ASP A 86 -17.23 -19.97 -25.16
CA ASP A 86 -18.62 -19.65 -24.86
C ASP A 86 -18.98 -18.24 -25.33
N LEU A 87 -18.06 -17.30 -25.15
CA LEU A 87 -18.31 -15.94 -25.59
C LEU A 87 -18.39 -15.84 -27.09
N LYS A 88 -17.50 -16.60 -27.74
CA LYS A 88 -17.39 -16.62 -29.19
C LYS A 88 -18.69 -17.12 -29.80
N GLN A 89 -19.24 -18.18 -29.21
CA GLN A 89 -20.50 -18.74 -29.70
C GLN A 89 -21.67 -17.78 -29.44
N ASP A 90 -21.84 -17.40 -28.17
CA ASP A 90 -22.97 -16.60 -27.74
C ASP A 90 -23.06 -15.24 -28.44
N GLN A 91 -21.91 -14.58 -28.61
CA GLN A 91 -21.90 -13.24 -29.19
C GLN A 91 -21.43 -13.18 -30.62
N SER A 92 -21.30 -14.35 -31.24
CA SER A 92 -20.93 -14.46 -32.65
C SER A 92 -19.65 -13.70 -32.95
N LEU A 93 -18.63 -13.89 -32.11
CA LEU A 93 -17.33 -13.27 -32.33
C LEU A 93 -16.59 -14.01 -33.43
N ASN A 94 -16.00 -13.24 -34.34
CA ASN A 94 -15.25 -13.82 -35.44
C ASN A 94 -13.74 -13.61 -35.28
N VAL A 95 -13.21 -13.92 -34.09
CA VAL A 95 -11.79 -13.77 -33.85
C VAL A 95 -11.19 -14.91 -33.04
N SER A 96 -9.86 -14.99 -33.03
CA SER A 96 -9.12 -15.88 -32.14
C SER A 96 -8.91 -15.22 -30.78
N PHE A 97 -8.31 -15.96 -29.85
CA PHE A 97 -8.07 -15.43 -28.51
C PHE A 97 -7.16 -14.20 -28.56
N SER A 98 -6.13 -14.25 -29.40
CA SER A 98 -5.23 -13.12 -29.54
C SER A 98 -5.94 -11.93 -30.16
N GLY A 99 -6.73 -12.18 -31.21
CA GLY A 99 -7.48 -11.12 -31.84
C GLY A 99 -8.52 -10.55 -30.90
N PHE A 100 -9.03 -11.41 -30.03
CA PHE A 100 -9.96 -10.97 -28.98
C PHE A 100 -9.25 -10.00 -28.05
N ILE A 101 -8.04 -10.35 -27.60
CA ILE A 101 -7.26 -9.48 -26.73
C ILE A 101 -7.02 -8.13 -27.42
N ASP A 102 -6.66 -8.17 -28.71
CA ASP A 102 -6.44 -6.94 -29.48
C ASP A 102 -7.68 -6.06 -29.49
N ASN A 103 -8.83 -6.68 -29.72
CA ASN A 103 -10.10 -5.96 -29.76
C ASN A 103 -10.44 -5.35 -28.41
N VAL A 104 -10.22 -6.11 -27.34
CA VAL A 104 -10.47 -5.64 -26.00
C VAL A 104 -9.61 -4.43 -25.67
N VAL A 105 -8.32 -4.53 -25.97
CA VAL A 105 -7.43 -3.41 -25.74
C VAL A 105 -7.92 -2.18 -26.50
N ARG A 106 -8.16 -2.35 -27.79
CA ARG A 106 -8.62 -1.26 -28.65
C ARG A 106 -9.85 -0.59 -28.04
N MET A 107 -10.81 -1.41 -27.63
CA MET A 107 -12.04 -0.89 -27.05
C MET A 107 -11.82 -0.17 -25.72
N LEU A 108 -10.88 -0.65 -24.91
CA LEU A 108 -10.58 0.04 -23.65
C LEU A 108 -9.98 1.41 -23.96
N LYS A 109 -9.15 1.48 -24.98
CA LYS A 109 -8.59 2.76 -25.37
C LYS A 109 -9.69 3.70 -25.88
N ASP A 110 -10.65 3.15 -26.63
CA ASP A 110 -11.79 3.95 -27.11
C ASP A 110 -12.64 4.45 -25.95
N CYS A 111 -12.74 3.66 -24.88
CA CYS A 111 -13.44 4.08 -23.67
C CYS A 111 -12.68 5.21 -23.00
N GLN A 112 -11.36 5.18 -23.09
CA GLN A 112 -10.56 6.30 -22.58
C GLN A 112 -10.83 7.58 -23.38
N SER A 113 -10.73 7.49 -24.70
CA SER A 113 -10.91 8.67 -25.56
C SER A 113 -12.33 9.20 -25.56
N GLY A 114 -13.28 8.36 -25.16
CA GLY A 114 -14.68 8.74 -25.11
C GLY A 114 -15.50 8.21 -26.27
N LYS A 115 -14.82 7.55 -27.21
CA LYS A 115 -15.49 6.98 -28.38
C LYS A 115 -16.43 5.88 -27.93
N LEU A 116 -16.12 5.27 -26.79
CA LEU A 116 -16.97 4.24 -26.20
C LEU A 116 -17.23 4.52 -24.73
N GLU A 117 -18.16 3.77 -24.16
CA GLU A 117 -18.49 3.88 -22.75
C GLU A 117 -18.39 2.52 -22.08
N LEU A 118 -17.77 2.47 -20.91
CA LEU A 118 -17.68 1.22 -20.17
C LEU A 118 -18.80 1.15 -19.14
N HIS A 119 -19.64 0.13 -19.26
CA HIS A 119 -20.76 -0.09 -18.35
C HIS A 119 -20.52 -1.31 -17.47
N LEU A 120 -21.07 -1.26 -16.27
CA LEU A 120 -21.08 -2.35 -15.33
C LEU A 120 -22.52 -2.62 -14.94
N THR A 121 -23.14 -3.55 -15.64
CA THR A 121 -24.57 -3.83 -15.47
C THR A 121 -24.86 -5.00 -14.53
N THR A 122 -25.83 -4.84 -13.65
CA THR A 122 -26.25 -5.95 -12.83
C THR A 122 -27.00 -6.91 -13.71
N ARG A 123 -26.63 -8.18 -13.62
CA ARG A 123 -27.33 -9.24 -14.32
C ARG A 123 -28.73 -9.41 -13.72
N ASP A 124 -29.74 -9.47 -14.58
CA ASP A 124 -31.12 -9.62 -14.14
C ASP A 124 -31.33 -11.04 -13.59
N GLN A 125 -31.32 -11.17 -12.27
CA GLN A 125 -31.44 -12.48 -11.63
C GLN A 125 -32.77 -12.66 -10.91
N ASN A 126 -33.16 -13.93 -10.73
CA ASN A 126 -34.31 -14.27 -9.89
C ASN A 126 -34.21 -15.71 -9.38
N LEU A 127 -35.08 -16.08 -8.45
CA LEU A 127 -35.02 -17.37 -7.78
C LEU A 127 -35.09 -18.58 -8.72
N SER A 128 -35.84 -18.46 -9.81
CA SER A 128 -36.06 -19.58 -10.72
C SER A 128 -34.96 -19.76 -11.79
N SER A 129 -34.11 -18.77 -11.97
CA SER A 129 -33.00 -18.87 -12.92
C SER A 129 -31.79 -19.58 -12.31
N GLY A 130 -31.98 -20.15 -11.12
CA GLY A 130 -30.91 -20.86 -10.43
C GLY A 130 -29.90 -19.89 -9.82
N ARG A 131 -28.63 -20.24 -9.94
CA ARG A 131 -27.55 -19.41 -9.40
C ARG A 131 -26.32 -19.45 -10.30
N GLU A 132 -25.60 -18.34 -10.31
CA GLU A 132 -24.41 -18.14 -11.15
C GLU A 132 -23.34 -17.44 -10.35
N VAL A 133 -22.08 -17.62 -10.74
CA VAL A 133 -20.97 -17.00 -10.02
C VAL A 133 -20.86 -15.50 -10.34
N HIS A 134 -21.04 -15.17 -11.62
CA HIS A 134 -20.95 -13.80 -12.09
C HIS A 134 -22.28 -13.04 -11.92
N ASP A 135 -22.25 -11.97 -11.15
CA ASP A 135 -23.44 -11.16 -10.90
C ASP A 135 -23.50 -9.88 -11.73
N TYR A 136 -22.48 -9.65 -12.55
CA TYR A 136 -22.44 -8.44 -13.37
C TYR A 136 -22.03 -8.71 -14.82
N TYR A 137 -22.13 -7.68 -15.65
CA TYR A 137 -21.67 -7.70 -17.02
C TYR A 137 -20.82 -6.47 -17.22
N LEU A 138 -19.63 -6.66 -17.76
CA LEU A 138 -18.79 -5.55 -18.16
C LEU A 138 -18.99 -5.32 -19.64
N GLN A 139 -19.66 -4.22 -19.98
CA GLN A 139 -20.09 -3.96 -21.34
C GLN A 139 -19.42 -2.77 -21.99
N PHE A 140 -19.10 -2.93 -23.27
CA PHE A 140 -18.52 -1.87 -24.08
C PHE A 140 -19.64 -1.32 -24.96
N VAL A 141 -20.17 -0.16 -24.61
CA VAL A 141 -21.33 0.42 -25.28
C VAL A 141 -20.99 1.64 -26.13
N GLU A 142 -21.48 1.62 -27.38
CA GLU A 142 -21.39 2.74 -28.32
C GLU A 142 -22.68 3.55 -28.30
N ILE A 143 -22.59 4.81 -27.90
CA ILE A 143 -23.76 5.67 -27.86
C ILE A 143 -24.08 6.12 -29.27
N ARG A 144 -25.32 5.89 -29.71
CA ARG A 144 -25.75 6.19 -31.06
C ARG A 144 -27.02 7.03 -31.11
N SER A 145 -27.30 7.62 -32.27
CA SER A 145 -28.48 8.48 -32.45
C SER A 145 -29.70 7.68 -32.89
N ASP A 146 -29.51 6.39 -33.19
CA ASP A 146 -30.65 5.52 -33.49
C ASP A 146 -30.91 4.56 -32.34
N LYS A 147 -29.90 3.75 -32.02
CA LYS A 147 -29.97 2.85 -30.90
C LYS A 147 -28.55 2.51 -30.46
N ASN A 148 -28.32 2.59 -29.16
CA ASN A 148 -27.01 2.30 -28.60
C ASN A 148 -26.64 0.88 -28.91
N LEU A 149 -25.37 0.65 -29.19
CA LEU A 149 -24.89 -0.67 -29.61
C LEU A 149 -23.90 -1.25 -28.63
N VAL A 150 -24.13 -2.47 -28.17
CA VAL A 150 -23.19 -3.13 -27.28
C VAL A 150 -22.21 -4.05 -28.03
N HIS A 151 -20.97 -3.60 -28.16
CA HIS A 151 -19.94 -4.33 -28.89
C HIS A 151 -19.46 -5.62 -28.19
N LEU A 152 -19.34 -5.59 -26.87
CA LEU A 152 -18.89 -6.76 -26.13
C LEU A 152 -19.47 -6.77 -24.72
N SER A 153 -19.94 -7.94 -24.30
CA SER A 153 -20.50 -8.11 -22.97
C SER A 153 -19.80 -9.27 -22.19
N LEU A 154 -18.93 -8.95 -21.23
CA LEU A 154 -18.16 -9.96 -20.49
C LEU A 154 -18.73 -10.25 -19.10
N PRO A 155 -18.80 -11.54 -18.73
CA PRO A 155 -19.30 -11.94 -17.40
C PRO A 155 -18.37 -11.45 -16.30
N CYS A 156 -18.85 -10.51 -15.50
CA CYS A 156 -18.08 -9.88 -14.43
C CYS A 156 -18.52 -10.32 -13.04
N ARG A 157 -17.58 -10.32 -12.11
CA ARG A 157 -17.80 -10.87 -10.79
C ARG A 157 -17.43 -9.88 -9.71
N SER A 158 -18.11 -9.96 -8.57
CA SER A 158 -17.71 -9.15 -7.43
C SER A 158 -16.61 -9.89 -6.66
N ALA A 159 -15.40 -9.34 -6.67
CA ALA A 159 -14.24 -10.03 -6.12
C ALA A 159 -14.39 -10.38 -4.64
N PRO A 160 -14.13 -11.65 -4.29
CA PRO A 160 -14.16 -12.12 -2.90
C PRO A 160 -12.97 -11.62 -2.09
N LEU A 161 -13.15 -11.55 -0.78
CA LEU A 161 -12.18 -10.90 0.11
C LEU A 161 -10.75 -11.40 -0.05
N ASN A 162 -10.58 -12.70 -0.20
CA ASN A 162 -9.23 -13.23 -0.31
C ASN A 162 -8.49 -12.61 -1.49
N THR A 163 -9.15 -12.57 -2.64
CA THR A 163 -8.57 -12.05 -3.86
C THR A 163 -8.29 -10.56 -3.76
N VAL A 164 -9.26 -9.83 -3.23
CA VAL A 164 -9.11 -8.39 -3.04
C VAL A 164 -7.91 -8.08 -2.18
N LEU A 165 -7.79 -8.82 -1.08
CA LEU A 165 -6.71 -8.65 -0.13
C LEU A 165 -5.38 -8.94 -0.80
N PHE A 166 -5.38 -9.92 -1.70
CA PHE A 166 -4.20 -10.24 -2.48
C PHE A 166 -3.75 -9.05 -3.33
N TYR A 167 -4.68 -8.49 -4.10
CA TYR A 167 -4.31 -7.38 -4.98
C TYR A 167 -3.96 -6.08 -4.22
N ILE A 168 -4.69 -5.78 -3.17
CA ILE A 168 -4.40 -4.56 -2.41
C ILE A 168 -3.08 -4.71 -1.63
N ASN A 169 -2.80 -5.90 -1.13
CA ASN A 169 -1.53 -6.17 -0.47
C ASN A 169 -0.37 -6.04 -1.45
N SER A 170 -0.54 -6.62 -2.64
CA SER A 170 0.47 -6.52 -3.68
C SER A 170 0.72 -5.08 -4.05
N MET A 171 -0.36 -4.31 -4.18
CA MET A 171 -0.23 -2.92 -4.55
C MET A 171 0.53 -2.16 -3.47
N LEU A 172 0.27 -2.51 -2.21
CA LEU A 172 0.98 -1.90 -1.10
C LEU A 172 2.49 -2.20 -1.16
N GLU A 173 2.82 -3.44 -1.42
CA GLU A 173 4.23 -3.82 -1.52
C GLU A 173 4.91 -3.09 -2.68
N ALA A 174 4.22 -3.01 -3.81
CA ALA A 174 4.79 -2.33 -4.96
C ALA A 174 4.99 -0.87 -4.65
N SER A 175 4.06 -0.30 -3.90
CA SER A 175 4.16 1.11 -3.53
C SER A 175 5.36 1.33 -2.65
N HIS A 176 5.60 0.40 -1.73
CA HIS A 176 6.75 0.54 -0.85
C HIS A 176 8.05 0.44 -1.61
N LYS A 177 8.13 -0.51 -2.54
CA LYS A 177 9.34 -0.66 -3.34
C LYS A 177 9.57 0.61 -4.16
N LYS A 178 8.50 1.16 -4.72
CA LYS A 178 8.61 2.39 -5.49
C LYS A 178 9.09 3.54 -4.62
N GLN A 179 8.59 3.62 -3.40
CA GLN A 179 9.02 4.67 -2.46
C GLN A 179 10.50 4.52 -2.15
N TYR A 180 10.94 3.27 -2.01
CA TYR A 180 12.34 2.99 -1.74
C TYR A 180 13.23 3.41 -2.91
N ILE A 181 12.81 3.07 -4.12
CA ILE A 181 13.54 3.44 -5.32
C ILE A 181 13.60 4.98 -5.44
N LEU A 182 12.49 5.65 -5.13
CA LEU A 182 12.42 7.10 -5.20
C LEU A 182 13.36 7.75 -4.19
N GLU A 183 13.29 7.29 -2.94
CA GLU A 183 14.09 7.87 -1.86
C GLU A 183 15.58 7.58 -2.02
N GLN A 184 15.90 6.44 -2.62
CA GLN A 184 17.32 6.11 -2.89
C GLN A 184 17.82 6.84 -4.13
N SER A 185 16.92 7.13 -5.06
CA SER A 185 17.26 7.91 -6.25
C SER A 185 17.40 9.36 -5.83
N MET A 186 16.89 9.66 -4.64
CA MET A 186 17.04 10.98 -4.06
C MET A 186 18.34 11.01 -3.26
N GLN A 187 18.63 9.89 -2.60
CA GLN A 187 19.81 9.76 -1.73
C GLN A 187 21.14 9.87 -2.47
N GLN A 188 21.26 9.22 -3.62
CA GLN A 188 22.50 9.32 -4.40
C GLN A 188 22.61 10.72 -5.02
N MET A 189 21.46 11.35 -5.22
CA MET A 189 21.38 12.72 -5.74
C MET A 189 21.46 13.81 -4.64
N GLN A 190 21.17 13.41 -3.40
CA GLN A 190 21.19 14.33 -2.25
C GLN A 190 22.60 14.79 -1.85
N ALA A 191 23.62 14.19 -2.44
CA ALA A 191 25.00 14.63 -2.21
C ALA A 191 25.30 15.89 -3.04
N GLU A 192 24.57 16.04 -4.14
CA GLU A 192 24.76 17.18 -5.03
C GLU A 192 24.28 18.49 -4.40
N ILE A 193 23.21 18.40 -3.60
CA ILE A 193 22.64 19.58 -2.96
C ILE A 193 23.51 20.08 -1.80
N ASN A 194 24.29 19.19 -1.21
CA ASN A 194 25.20 19.54 -0.12
C ASN A 194 26.62 19.83 -0.58
N ALA A 195 26.97 19.38 -1.79
CA ALA A 195 28.32 19.61 -2.31
C ALA A 195 28.41 20.80 -3.27
N GLN A 196 27.38 20.99 -4.09
CA GLN A 196 27.49 22.00 -5.14
C GLN A 196 27.18 23.41 -4.65
N ARG A 197 26.28 23.52 -3.67
CA ARG A 197 26.01 24.82 -3.10
C ARG A 197 27.11 25.20 -2.11
N ALA A 198 27.72 24.20 -1.49
CA ALA A 198 28.85 24.46 -0.61
C ALA A 198 30.07 24.85 -1.43
N HIS A 199 30.14 24.35 -2.67
CA HIS A 199 31.22 24.76 -3.56
C HIS A 199 30.90 26.13 -4.15
N ALA A 200 29.61 26.48 -4.19
CA ALA A 200 29.16 27.75 -4.76
C ALA A 200 29.18 28.96 -3.82
N GLU A 201 28.29 28.97 -2.82
CA GLU A 201 28.16 30.13 -1.94
C GLU A 201 29.32 30.41 -1.00
N ARG A 202 30.16 29.41 -0.73
CA ARG A 202 31.31 29.63 0.16
C ARG A 202 32.62 29.89 -0.57
N LEU A 203 32.79 29.33 -1.76
CA LEU A 203 34.06 29.46 -2.48
C LEU A 203 34.06 30.57 -3.54
N THR A 204 32.90 31.16 -3.83
CA THR A 204 32.82 32.26 -4.78
C THR A 204 33.26 33.59 -4.16
N THR A 205 33.44 33.60 -2.84
CA THR A 205 33.89 34.80 -2.14
C THR A 205 35.31 35.19 -2.58
N GLU A 206 36.06 34.22 -3.09
CA GLU A 206 37.41 34.43 -3.57
C GLU A 206 37.38 35.23 -4.87
N ASN A 207 36.17 35.46 -5.37
CA ASN A 207 35.95 36.26 -6.57
C ASN A 207 35.57 37.67 -6.13
N THR A 208 34.81 37.76 -5.04
CA THR A 208 34.37 39.06 -4.53
C THR A 208 35.57 39.84 -4.00
N ASN A 209 36.58 39.10 -3.53
CA ASN A 209 37.81 39.68 -2.98
C ASN A 209 38.93 39.83 -4.01
N LEU A 210 38.77 39.21 -5.17
CA LEU A 210 39.79 39.24 -6.22
C LEU A 210 39.72 40.53 -7.04
N ARG A 211 38.54 41.11 -7.08
CA ARG A 211 38.31 42.39 -7.75
C ARG A 211 38.98 43.54 -6.99
N GLU A 212 39.06 43.42 -5.66
CA GLU A 212 39.74 44.41 -4.83
C GLU A 212 41.25 44.29 -5.01
N ALA A 213 41.72 43.06 -5.25
CA ALA A 213 43.12 42.80 -5.56
C ALA A 213 43.46 43.39 -6.92
N LEU A 214 42.49 43.32 -7.83
CA LEU A 214 42.64 43.88 -9.17
C LEU A 214 42.55 45.42 -9.14
N ALA A 215 41.88 45.94 -8.11
CA ALA A 215 41.69 47.37 -7.94
C ALA A 215 42.98 48.14 -7.65
N GLU A 216 43.92 47.53 -6.93
CA GLU A 216 45.13 48.24 -6.56
C GLU A 216 46.07 48.36 -7.77
N ASN A 217 46.04 47.36 -8.64
CA ASN A 217 46.79 47.39 -9.89
C ASN A 217 45.90 47.58 -11.13
N THR A 218 44.98 48.55 -11.06
CA THR A 218 44.08 48.82 -12.20
C THR A 218 44.52 50.05 -12.98
N ARG A 219 45.12 51.01 -12.28
CA ARG A 219 45.58 52.25 -12.88
C ARG A 219 44.48 53.14 -13.47
N SER B 12 -16.98 -12.32 10.03
CA SER B 12 -15.81 -12.24 10.90
C SER B 12 -15.61 -10.82 11.44
N TYR B 13 -15.73 -10.68 12.77
CA TYR B 13 -15.65 -9.37 13.42
C TYR B 13 -14.37 -9.17 14.23
N SER B 14 -13.86 -7.94 14.16
CA SER B 14 -12.74 -7.49 14.99
C SER B 14 -12.72 -5.99 15.08
N ALA B 15 -12.25 -5.50 16.22
CA ALA B 15 -12.19 -4.08 16.46
C ALA B 15 -11.24 -3.39 15.49
N LYS B 16 -11.75 -2.37 14.82
CA LYS B 16 -10.97 -1.54 13.91
C LYS B 16 -10.78 -0.18 14.55
N MET B 17 -9.56 0.34 14.51
CA MET B 17 -9.29 1.68 15.03
C MET B 17 -9.68 2.74 14.02
N ASP B 18 -10.96 2.77 13.65
CA ASP B 18 -11.50 3.75 12.72
C ASP B 18 -12.18 4.88 13.49
N TYR B 19 -11.38 5.63 14.24
CA TYR B 19 -11.89 6.70 15.08
C TYR B 19 -11.35 8.06 14.68
N GLY B 20 -10.87 8.16 13.44
CA GLY B 20 -10.44 9.42 12.89
C GLY B 20 -9.32 10.07 13.68
N LYS B 21 -9.45 11.38 13.90
CA LYS B 21 -8.43 12.16 14.59
C LYS B 21 -8.24 11.74 16.05
N SER B 22 -9.17 10.94 16.56
CA SER B 22 -9.09 10.46 17.94
C SER B 22 -8.09 9.33 18.11
N VAL B 23 -7.59 8.81 16.99
CA VAL B 23 -6.55 7.79 17.01
C VAL B 23 -5.16 8.39 17.23
N VAL B 24 -4.54 7.99 18.33
CA VAL B 24 -3.23 8.51 18.74
C VAL B 24 -2.16 7.42 18.66
N ASN B 25 -1.06 7.69 17.97
CA ASN B 25 0.06 6.76 17.91
C ASN B 25 0.85 6.80 19.23
N ILE B 26 0.65 5.81 20.09
CA ILE B 26 1.30 5.87 21.39
C ILE B 26 2.80 5.60 21.23
N LEU B 27 3.14 5.03 20.09
CA LEU B 27 4.51 4.71 19.73
C LEU B 27 4.65 4.65 18.22
N PRO B 28 5.72 5.25 17.69
CA PRO B 28 5.92 5.21 16.24
C PRO B 28 6.11 3.78 15.71
N SER B 29 5.47 3.47 14.59
CA SER B 29 5.52 2.14 13.97
C SER B 29 6.97 1.72 13.79
N VAL B 30 7.31 0.53 14.28
CA VAL B 30 8.70 0.09 14.17
C VAL B 30 8.85 -1.36 13.78
N GLU B 31 10.03 -1.71 13.29
CA GLU B 31 10.40 -3.09 13.02
C GLU B 31 10.95 -3.76 14.29
N MET B 32 10.46 -4.95 14.58
CA MET B 32 10.79 -5.66 15.80
C MET B 32 10.99 -7.14 15.52
N LEU B 33 11.99 -7.75 16.12
CA LEU B 33 12.18 -9.20 15.99
C LEU B 33 11.32 -9.86 17.07
N VAL B 34 10.37 -10.70 16.67
CA VAL B 34 9.40 -11.33 17.56
C VAL B 34 9.54 -12.87 17.59
N ASN B 35 9.36 -13.46 18.75
CA ASN B 35 9.36 -14.91 18.89
C ASN B 35 7.99 -15.49 18.65
N PHE B 36 7.93 -16.53 17.83
CA PHE B 36 6.69 -17.22 17.55
C PHE B 36 6.69 -18.57 18.24
N ASN B 37 5.95 -18.58 19.36
CA ASN B 37 5.58 -19.73 20.22
C ASN B 37 6.62 -20.36 21.17
N GLY B 38 6.12 -21.19 22.10
CA GLY B 38 6.86 -21.61 23.30
C GLY B 38 8.12 -22.46 23.23
N ASP B 39 7.96 -23.76 22.97
CA ASP B 39 9.07 -24.71 22.85
C ASP B 39 10.07 -24.31 21.77
N MET B 40 11.30 -23.96 22.17
CA MET B 40 12.31 -23.47 21.21
C MET B 40 12.70 -24.50 20.11
N THR B 41 12.33 -25.76 20.29
CA THR B 41 12.58 -26.71 19.23
C THR B 41 11.52 -26.56 18.14
N ARG B 42 10.36 -26.02 18.51
CA ARG B 42 9.24 -25.84 17.56
C ARG B 42 8.84 -24.38 17.31
N SER B 43 9.66 -23.44 17.78
CA SER B 43 9.39 -22.03 17.66
C SER B 43 10.09 -21.38 16.46
N SER B 44 10.00 -20.05 16.36
CA SER B 44 10.73 -19.34 15.29
C SER B 44 10.89 -17.86 15.62
N LYS B 45 11.87 -17.19 15.03
CA LYS B 45 12.02 -15.76 15.26
C LYS B 45 11.87 -14.99 13.97
N ARG B 46 10.86 -14.13 13.91
CA ARG B 46 10.52 -13.45 12.66
C ARG B 46 10.58 -11.93 12.79
N SER B 47 10.91 -11.24 11.69
CA SER B 47 10.85 -9.78 11.67
C SER B 47 9.44 -9.31 11.43
N CYS B 48 8.92 -8.57 12.41
CA CYS B 48 7.58 -8.00 12.37
C CYS B 48 7.59 -6.49 12.38
N LEU B 49 6.41 -5.92 12.19
CA LEU B 49 6.16 -4.49 12.28
C LEU B 49 5.09 -4.30 13.34
N LEU B 50 5.42 -3.48 14.35
CA LEU B 50 4.47 -3.18 15.41
C LEU B 50 3.89 -1.78 15.30
N TYR B 51 2.57 -1.76 15.48
CA TYR B 51 1.72 -0.57 15.45
C TYR B 51 1.01 -0.42 16.79
N ALA B 52 1.27 0.68 17.49
CA ALA B 52 0.66 0.86 18.81
C ALA B 52 -0.18 2.13 18.84
N GLU B 53 -1.49 1.99 19.03
CA GLU B 53 -2.32 3.20 19.05
C GLU B 53 -3.49 3.14 20.04
N ARG B 54 -3.91 4.32 20.53
CA ARG B 54 -5.06 4.39 21.44
C ARG B 54 -6.10 5.44 21.00
N VAL B 55 -7.26 5.42 21.64
CA VAL B 55 -8.29 6.41 21.39
C VAL B 55 -8.24 7.47 22.48
N ASP B 56 -8.37 8.73 22.11
CA ASP B 56 -8.23 9.81 23.09
C ASP B 56 -9.47 10.01 23.98
N PHE B 57 -10.67 9.77 23.43
CA PHE B 57 -11.90 10.04 24.17
C PHE B 57 -12.42 8.86 24.98
N LYS B 58 -11.87 7.67 24.73
CA LYS B 58 -12.25 6.49 25.51
C LYS B 58 -11.05 5.56 25.73
N GLU B 59 -11.09 4.79 26.80
CA GLU B 59 -10.05 3.83 27.09
C GLU B 59 -10.09 2.68 26.12
N LEU B 60 -9.24 2.76 25.10
CA LEU B 60 -9.15 1.71 24.10
C LEU B 60 -7.75 1.68 23.51
N LEU B 61 -7.09 0.54 23.64
CA LEU B 61 -5.73 0.35 23.16
C LEU B 61 -5.68 -0.77 22.14
N GLN B 62 -4.98 -0.57 21.04
CA GLN B 62 -4.77 -1.65 20.09
C GLN B 62 -3.31 -1.74 19.70
N LEU B 63 -2.79 -2.97 19.75
CA LEU B 63 -1.45 -3.29 19.27
C LEU B 63 -1.61 -4.22 18.09
N ARG B 64 -1.09 -3.80 16.94
CA ARG B 64 -1.11 -4.62 15.74
C ARG B 64 0.28 -5.11 15.38
N LEU B 65 0.38 -6.38 15.10
CA LEU B 65 1.64 -7.00 14.75
C LEU B 65 1.51 -7.63 13.35
N THR B 66 2.36 -7.21 12.43
CA THR B 66 2.31 -7.75 11.08
C THR B 66 3.65 -8.38 10.73
N GLU B 67 3.65 -9.50 10.01
CA GLU B 67 4.93 -10.06 9.56
C GLU B 67 5.46 -9.23 8.41
N LYS B 68 6.70 -8.77 8.51
CA LYS B 68 7.27 -7.86 7.51
C LYS B 68 7.15 -8.39 6.10
N SER B 69 7.45 -9.68 5.92
CA SER B 69 7.43 -10.33 4.61
C SER B 69 6.02 -10.37 3.99
N ASP B 70 5.01 -10.52 4.82
CA ASP B 70 3.60 -10.51 4.37
C ASP B 70 2.70 -9.87 5.42
N GLN B 71 2.37 -8.60 5.23
CA GLN B 71 1.58 -7.88 6.23
C GLN B 71 0.13 -8.34 6.30
N ARG B 72 -0.26 -9.28 5.44
CA ARG B 72 -1.58 -9.91 5.52
C ARG B 72 -1.67 -10.81 6.75
N ARG B 73 -0.49 -11.24 7.23
CA ARG B 73 -0.36 -12.04 8.46
C ARG B 73 -0.39 -11.11 9.69
N MET B 74 -1.60 -10.81 10.15
CA MET B 74 -1.82 -9.80 11.17
C MET B 74 -2.38 -10.40 12.46
N TYR B 75 -1.84 -9.94 13.59
CA TYR B 75 -2.24 -10.39 14.90
C TYR B 75 -2.58 -9.14 15.67
N ILE B 76 -3.78 -9.12 16.23
CA ILE B 76 -4.28 -7.90 16.87
C ILE B 76 -4.61 -8.14 18.36
N THR B 77 -4.14 -7.23 19.20
CA THR B 77 -4.51 -7.20 20.61
C THR B 77 -5.27 -5.91 20.90
N THR B 78 -6.51 -6.07 21.35
CA THR B 78 -7.37 -4.92 21.65
C THR B 78 -7.85 -4.94 23.10
N VAL B 79 -7.49 -3.93 23.86
CA VAL B 79 -7.84 -3.85 25.27
C VAL B 79 -8.69 -2.62 25.56
N ASP B 80 -9.87 -2.83 26.13
CA ASP B 80 -10.73 -1.73 26.53
C ASP B 80 -10.80 -1.69 28.06
N SER B 81 -11.79 -0.98 28.59
CA SER B 81 -11.95 -0.84 30.05
C SER B 81 -12.21 -2.16 30.76
N ALA B 82 -13.20 -2.91 30.27
CA ALA B 82 -13.57 -4.17 30.89
C ALA B 82 -12.42 -5.16 30.83
N SER B 83 -11.86 -5.28 29.63
CA SER B 83 -10.72 -6.14 29.37
C SER B 83 -9.58 -5.77 30.31
N PHE B 84 -9.38 -4.47 30.49
CA PHE B 84 -8.30 -4.01 31.35
C PHE B 84 -8.55 -4.39 32.80
N GLN B 85 -9.81 -4.37 33.22
CA GLN B 85 -10.13 -4.81 34.57
C GLN B 85 -9.82 -6.29 34.75
N ASP B 86 -10.14 -7.08 33.72
CA ASP B 86 -9.84 -8.51 33.78
C ASP B 86 -8.34 -8.74 33.89
N LEU B 87 -7.55 -8.00 33.12
CA LEU B 87 -6.10 -8.18 33.18
C LEU B 87 -5.55 -7.74 34.54
N LYS B 88 -6.12 -6.65 35.05
CA LYS B 88 -5.69 -6.08 36.32
C LYS B 88 -5.90 -7.09 37.44
N GLN B 89 -7.04 -7.77 37.41
CA GLN B 89 -7.32 -8.77 38.42
C GLN B 89 -6.39 -9.98 38.24
N ASP B 90 -6.43 -10.57 37.06
CA ASP B 90 -5.72 -11.81 36.78
C ASP B 90 -4.21 -11.69 37.01
N GLN B 91 -3.62 -10.58 36.59
CA GLN B 91 -2.16 -10.43 36.65
C GLN B 91 -1.69 -9.52 37.78
N SER B 92 -2.60 -9.17 38.67
CA SER B 92 -2.26 -8.39 39.86
C SER B 92 -1.52 -7.12 39.48
N LEU B 93 -2.04 -6.42 38.47
CA LEU B 93 -1.47 -5.15 38.04
C LEU B 93 -1.85 -4.06 39.01
N ASN B 94 -0.90 -3.22 39.37
CA ASN B 94 -1.16 -2.13 40.29
C ASN B 94 -1.15 -0.77 39.60
N VAL B 95 -1.85 -0.66 38.48
CA VAL B 95 -1.89 0.60 37.74
C VAL B 95 -3.28 0.95 37.21
N SER B 96 -3.44 2.20 36.80
CA SER B 96 -4.61 2.66 36.07
C SER B 96 -4.44 2.42 34.57
N PHE B 97 -5.47 2.72 33.80
CA PHE B 97 -5.41 2.50 32.35
C PHE B 97 -4.30 3.34 31.70
N SER B 98 -4.16 4.59 32.12
CA SER B 98 -3.11 5.46 31.60
C SER B 98 -1.73 4.93 31.95
N GLY B 99 -1.58 4.53 33.21
CA GLY B 99 -0.31 3.99 33.69
C GLY B 99 0.00 2.69 33.00
N PHE B 100 -1.04 1.95 32.64
CA PHE B 100 -0.92 0.73 31.84
C PHE B 100 -0.38 1.06 30.46
N ILE B 101 -0.93 2.07 29.80
CA ILE B 101 -0.45 2.53 28.49
C ILE B 101 1.03 2.93 28.59
N ASP B 102 1.39 3.67 29.66
CA ASP B 102 2.78 4.07 29.89
C ASP B 102 3.70 2.86 30.00
N ASN B 103 3.25 1.86 30.78
CA ASN B 103 4.05 0.65 30.99
C ASN B 103 4.23 -0.15 29.70
N VAL B 104 3.16 -0.29 28.91
CA VAL B 104 3.23 -0.97 27.62
C VAL B 104 4.16 -0.27 26.65
N VAL B 105 4.04 1.05 26.54
CA VAL B 105 4.96 1.79 25.70
C VAL B 105 6.41 1.55 26.12
N ARG B 106 6.68 1.75 27.41
CA ARG B 106 8.00 1.54 27.98
C ARG B 106 8.56 0.16 27.64
N MET B 107 7.73 -0.86 27.85
CA MET B 107 8.16 -2.21 27.58
C MET B 107 8.40 -2.46 26.08
N LEU B 108 7.62 -1.83 25.21
CA LEU B 108 7.84 -1.97 23.78
C LEU B 108 9.17 -1.37 23.37
N LYS B 109 9.50 -0.24 23.99
CA LYS B 109 10.78 0.39 23.74
C LYS B 109 11.91 -0.51 24.22
N ASP B 110 11.71 -1.17 25.36
CA ASP B 110 12.69 -2.13 25.90
C ASP B 110 12.85 -3.33 24.98
N CYS B 111 11.78 -3.74 24.30
CA CYS B 111 11.88 -4.84 23.35
C CYS B 111 12.70 -4.39 22.17
N GLN B 112 12.56 -3.12 21.80
CA GLN B 112 13.39 -2.58 20.75
C GLN B 112 14.87 -2.62 21.16
N SER B 113 15.18 -2.09 22.34
CA SER B 113 16.57 -2.02 22.78
C SER B 113 17.18 -3.38 23.05
N GLY B 114 16.35 -4.39 23.27
CA GLY B 114 16.85 -5.72 23.54
C GLY B 114 16.79 -6.06 25.02
N LYS B 115 16.38 -5.08 25.83
CA LYS B 115 16.24 -5.29 27.26
C LYS B 115 15.14 -6.31 27.51
N LEU B 116 14.15 -6.35 26.61
CA LEU B 116 13.07 -7.33 26.69
C LEU B 116 12.88 -8.07 25.39
N GLU B 117 12.08 -9.13 25.43
CA GLU B 117 11.74 -9.92 24.26
C GLU B 117 10.22 -10.04 24.08
N LEU B 118 9.76 -9.84 22.85
CA LEU B 118 8.35 -9.96 22.58
C LEU B 118 8.00 -11.34 22.02
N HIS B 119 7.11 -12.03 22.71
CA HIS B 119 6.65 -13.35 22.28
C HIS B 119 5.21 -13.32 21.80
N LEU B 120 4.91 -14.21 20.88
CA LEU B 120 3.56 -14.45 20.39
C LEU B 120 3.33 -15.94 20.61
N THR B 121 2.74 -16.27 21.76
CA THR B 121 2.56 -17.66 22.19
C THR B 121 1.17 -18.22 21.87
N THR B 122 1.10 -19.43 21.36
CA THR B 122 -0.18 -20.07 21.13
C THR B 122 -0.81 -20.46 22.46
N ARG B 123 -2.07 -20.10 22.66
CA ARG B 123 -2.78 -20.50 23.85
C ARG B 123 -3.05 -22.01 23.81
N ASP B 124 -2.71 -22.72 24.88
CA ASP B 124 -2.91 -24.16 24.95
C ASP B 124 -4.39 -24.54 25.05
N GLN B 125 -4.99 -24.90 23.93
CA GLN B 125 -6.40 -25.26 23.87
C GLN B 125 -6.65 -26.75 23.65
N ASN B 126 -7.83 -27.20 24.03
CA ASN B 126 -8.31 -28.54 23.71
C ASN B 126 -9.84 -28.56 23.70
N LEU B 127 -10.43 -29.65 23.20
CA LEU B 127 -11.87 -29.73 23.00
C LEU B 127 -12.72 -29.49 24.24
N SER B 128 -12.22 -29.89 25.40
CA SER B 128 -12.99 -29.79 26.64
C SER B 128 -12.90 -28.42 27.31
N SER B 129 -11.95 -27.58 26.89
CA SER B 129 -11.80 -26.27 27.49
C SER B 129 -12.80 -25.30 26.87
N GLY B 130 -13.04 -24.18 27.56
CA GLY B 130 -13.97 -23.17 27.07
C GLY B 130 -13.43 -22.55 25.80
N ARG B 131 -14.29 -22.45 24.78
CA ARG B 131 -13.89 -21.89 23.50
C ARG B 131 -13.58 -20.39 23.64
N GLU B 132 -12.62 -19.91 22.86
CA GLU B 132 -12.19 -18.52 22.95
C GLU B 132 -11.94 -17.90 21.58
N VAL B 133 -12.09 -16.59 21.49
CA VAL B 133 -11.80 -15.86 20.27
C VAL B 133 -10.29 -15.65 20.11
N HIS B 134 -9.62 -15.34 21.22
CA HIS B 134 -8.19 -15.09 21.22
C HIS B 134 -7.42 -16.40 21.31
N ASP B 135 -6.65 -16.71 20.27
CA ASP B 135 -5.89 -17.95 20.23
C ASP B 135 -4.40 -17.76 20.52
N TYR B 136 -3.99 -16.52 20.80
CA TYR B 136 -2.59 -16.27 21.13
C TYR B 136 -2.43 -15.38 22.38
N TYR B 137 -1.19 -15.23 22.81
CA TYR B 137 -0.82 -14.33 23.90
C TYR B 137 0.34 -13.52 23.40
N LEU B 138 0.23 -12.21 23.56
CA LEU B 138 1.34 -11.33 23.29
C LEU B 138 2.07 -11.09 24.61
N GLN B 139 3.26 -11.65 24.74
CA GLN B 139 3.96 -11.63 26.01
C GLN B 139 5.27 -10.84 26.00
N PHE B 140 5.49 -10.12 27.09
CA PHE B 140 6.71 -9.35 27.28
C PHE B 140 7.57 -10.13 28.25
N VAL B 141 8.61 -10.77 27.72
CA VAL B 141 9.47 -11.66 28.49
C VAL B 141 10.85 -11.06 28.77
N GLU B 142 11.25 -11.10 30.05
CA GLU B 142 12.59 -10.73 30.50
C GLU B 142 13.48 -11.97 30.63
N ILE B 143 14.53 -12.05 29.81
CA ILE B 143 15.46 -13.20 29.88
C ILE B 143 16.38 -13.02 31.07
N ARG B 144 16.41 -14.05 31.92
CA ARG B 144 17.15 -14.00 33.17
C ARG B 144 18.05 -15.23 33.35
N SER B 145 18.98 -15.15 34.29
CA SER B 145 19.93 -16.24 34.55
C SER B 145 19.42 -17.23 35.59
N ASP B 146 18.31 -16.92 36.24
CA ASP B 146 17.69 -17.85 37.18
C ASP B 146 16.44 -18.47 36.57
N LYS B 147 15.50 -17.61 36.19
CA LYS B 147 14.28 -18.01 35.51
C LYS B 147 13.72 -16.82 34.74
N ASN B 148 13.37 -17.06 33.49
CA ASN B 148 12.80 -16.01 32.66
C ASN B 148 11.51 -15.53 33.28
N LEU B 149 11.27 -14.24 33.20
CA LEU B 149 10.10 -13.63 33.86
C LEU B 149 9.15 -12.99 32.85
N VAL B 150 7.85 -13.32 32.91
CA VAL B 150 6.90 -12.66 32.02
C VAL B 150 6.17 -11.47 32.67
N HIS B 151 6.57 -10.27 32.26
CA HIS B 151 6.03 -9.05 32.85
C HIS B 151 4.56 -8.79 32.50
N LEU B 152 4.17 -9.08 31.27
CA LEU B 152 2.80 -8.85 30.85
C LEU B 152 2.35 -9.84 29.80
N SER B 153 1.15 -10.38 29.97
CA SER B 153 0.60 -11.34 29.03
C SER B 153 -0.78 -10.88 28.50
N LEU B 154 -0.84 -10.42 27.25
CA LEU B 154 -2.08 -9.90 26.65
C LEU B 154 -2.78 -10.87 25.70
N PRO B 155 -4.11 -10.98 25.80
CA PRO B 155 -4.88 -11.85 24.88
C PRO B 155 -4.83 -11.29 23.45
N CYS B 156 -4.17 -12.04 22.59
CA CYS B 156 -3.97 -11.67 21.19
C CYS B 156 -4.86 -12.50 20.25
N ARG B 157 -5.24 -11.90 19.14
CA ARG B 157 -6.18 -12.53 18.23
C ARG B 157 -5.60 -12.57 16.82
N SER B 158 -5.95 -13.58 16.06
CA SER B 158 -5.54 -13.62 14.66
C SER B 158 -6.53 -12.82 13.81
N ALA B 159 -6.08 -11.69 13.27
CA ALA B 159 -6.97 -10.76 12.60
C ALA B 159 -7.76 -11.38 11.45
N PRO B 160 -9.08 -11.19 11.46
CA PRO B 160 -9.97 -11.65 10.39
C PRO B 160 -9.85 -10.81 9.12
N LEU B 161 -10.20 -11.39 7.98
CA LEU B 161 -9.95 -10.78 6.67
C LEU B 161 -10.46 -9.37 6.54
N ASN B 162 -11.66 -9.13 7.07
CA ASN B 162 -12.24 -7.82 6.90
C ASN B 162 -11.33 -6.74 7.48
N THR B 163 -10.86 -6.99 8.68
CA THR B 163 -10.01 -6.05 9.39
C THR B 163 -8.66 -5.88 8.70
N VAL B 164 -8.06 -7.00 8.31
CA VAL B 164 -6.78 -6.96 7.63
C VAL B 164 -6.89 -6.11 6.36
N LEU B 165 -7.96 -6.34 5.60
CA LEU B 165 -8.19 -5.61 4.36
C LEU B 165 -8.38 -4.12 4.63
N PHE B 166 -9.03 -3.80 5.76
CA PHE B 166 -9.18 -2.41 6.17
C PHE B 166 -7.81 -1.76 6.37
N TYR B 167 -6.95 -2.38 7.17
CA TYR B 167 -5.66 -1.79 7.48
C TYR B 167 -4.70 -1.76 6.28
N ILE B 168 -4.70 -2.81 5.48
CA ILE B 168 -3.79 -2.83 4.34
C ILE B 168 -4.25 -1.83 3.28
N ASN B 169 -5.57 -1.69 3.11
CA ASN B 169 -6.11 -0.69 2.20
C ASN B 169 -5.73 0.72 2.67
N SER B 170 -5.89 0.97 3.97
CA SER B 170 -5.53 2.24 4.57
C SER B 170 -4.06 2.57 4.34
N MET B 171 -3.23 1.55 4.55
CA MET B 171 -1.80 1.72 4.42
C MET B 171 -1.45 2.05 2.99
N LEU B 172 -2.15 1.42 2.05
CA LEU B 172 -1.95 1.71 0.63
C LEU B 172 -2.30 3.15 0.29
N GLU B 173 -3.44 3.61 0.79
CA GLU B 173 -3.86 4.99 0.52
C GLU B 173 -2.85 5.98 1.06
N ALA B 174 -2.38 5.73 2.28
CA ALA B 174 -1.40 6.61 2.89
C ALA B 174 -0.10 6.60 2.08
N SER B 175 0.24 5.42 1.57
CA SER B 175 1.43 5.26 0.77
C SER B 175 1.32 6.07 -0.50
N HIS B 176 0.13 6.08 -1.11
CA HIS B 176 -0.08 6.85 -2.33
C HIS B 176 0.07 8.34 -2.06
N LYS B 177 -0.52 8.81 -0.96
CA LYS B 177 -0.40 10.22 -0.60
C LYS B 177 1.08 10.59 -0.41
N LYS B 178 1.82 9.71 0.26
CA LYS B 178 3.24 9.93 0.48
C LYS B 178 4.02 9.98 -0.84
N GLN B 179 3.69 9.09 -1.78
CA GLN B 179 4.38 9.09 -3.07
C GLN B 179 4.14 10.37 -3.85
N TYR B 180 2.89 10.83 -3.84
CA TYR B 180 2.57 12.04 -4.61
C TYR B 180 3.29 13.23 -4.01
N ILE B 181 3.24 13.35 -2.69
CA ILE B 181 3.92 14.46 -2.00
C ILE B 181 5.44 14.43 -2.26
N LEU B 182 6.01 13.23 -2.19
CA LEU B 182 7.44 13.05 -2.37
C LEU B 182 7.91 13.43 -3.78
N GLU B 183 7.30 12.84 -4.82
CA GLU B 183 7.76 13.11 -6.17
C GLU B 183 7.43 14.53 -6.63
N GLN B 184 6.35 15.09 -6.09
CA GLN B 184 6.00 16.47 -6.46
C GLN B 184 6.94 17.46 -5.79
N SER B 185 7.42 17.13 -4.60
CA SER B 185 8.42 17.97 -3.95
C SER B 185 9.83 17.73 -4.50
N MET B 186 10.01 16.60 -5.19
CA MET B 186 11.31 16.20 -5.74
C MET B 186 11.61 16.71 -7.15
N GLN B 187 10.61 16.71 -8.02
CA GLN B 187 10.82 17.08 -9.44
C GLN B 187 11.34 18.51 -9.64
N GLN B 188 10.76 19.45 -8.89
CA GLN B 188 11.14 20.86 -9.04
C GLN B 188 12.58 21.09 -8.58
N MET B 189 13.06 20.24 -7.68
CA MET B 189 14.44 20.34 -7.23
C MET B 189 15.34 19.60 -8.20
N GLN B 190 14.77 18.64 -8.93
CA GLN B 190 15.54 17.92 -9.94
C GLN B 190 15.75 18.82 -11.16
N ALA B 191 14.87 19.80 -11.34
CA ALA B 191 15.08 20.82 -12.36
C ALA B 191 15.91 21.99 -11.82
N GLU B 192 15.76 22.22 -10.50
CA GLU B 192 16.44 23.32 -9.83
C GLU B 192 17.94 23.08 -9.75
N ILE B 193 18.33 21.82 -9.61
CA ILE B 193 19.75 21.48 -9.54
C ILE B 193 20.35 21.61 -10.94
N ASN B 194 19.50 21.51 -11.96
CA ASN B 194 19.94 21.59 -13.36
C ASN B 194 19.97 23.03 -13.86
N ALA B 195 19.30 23.92 -13.13
CA ALA B 195 19.32 25.34 -13.47
C ALA B 195 20.39 26.04 -12.63
N GLN B 196 20.53 25.59 -11.38
CA GLN B 196 21.45 26.18 -10.40
C GLN B 196 22.88 25.61 -10.45
N ARG B 197 23.06 24.42 -11.01
CA ARG B 197 24.41 23.87 -11.16
C ARG B 197 25.23 24.63 -12.19
N ALA B 198 24.55 25.30 -13.13
CA ALA B 198 25.22 26.10 -14.16
C ALA B 198 25.93 27.29 -13.50
N HIS B 199 25.60 27.57 -12.25
CA HIS B 199 26.26 28.63 -11.51
C HIS B 199 27.79 28.59 -11.62
N ALA B 200 28.33 27.44 -12.02
CA ALA B 200 29.78 27.32 -12.19
C ALA B 200 30.09 27.97 -13.52
N GLU B 201 29.50 27.47 -14.60
CA GLU B 201 29.75 27.99 -15.94
C GLU B 201 29.25 29.44 -16.06
N ARG B 202 28.44 29.91 -15.10
CA ARG B 202 27.85 31.25 -15.12
C ARG B 202 28.79 32.20 -14.39
N LEU B 203 29.44 31.72 -13.33
CA LEU B 203 30.36 32.58 -12.58
C LEU B 203 31.85 32.31 -12.86
N THR B 204 32.15 31.23 -13.58
CA THR B 204 33.55 30.95 -13.88
C THR B 204 34.08 31.82 -15.01
N THR B 205 33.19 32.45 -15.78
CA THR B 205 33.64 33.39 -16.79
C THR B 205 34.15 34.64 -16.06
N GLU B 206 33.54 34.90 -14.89
CA GLU B 206 33.95 36.00 -14.04
C GLU B 206 35.15 35.59 -13.20
N ASN B 207 35.45 34.30 -13.18
CA ASN B 207 36.57 33.79 -12.39
C ASN B 207 37.81 33.40 -13.20
N THR B 208 37.59 32.67 -14.29
CA THR B 208 38.68 32.16 -15.11
C THR B 208 39.38 33.25 -15.92
N ASN B 209 38.66 34.31 -16.29
CA ASN B 209 39.26 35.39 -17.06
C ASN B 209 39.81 36.47 -16.14
N LEU B 210 39.34 36.47 -14.89
CA LEU B 210 39.81 37.44 -13.92
C LEU B 210 41.08 36.92 -13.24
N ARG B 211 41.25 35.60 -13.20
CA ARG B 211 42.51 35.04 -12.70
C ARG B 211 43.61 35.38 -13.69
N GLU B 212 43.27 35.37 -14.97
CA GLU B 212 44.20 35.72 -16.04
C GLU B 212 44.43 37.23 -16.12
N ALA B 213 43.43 38.02 -15.76
CA ALA B 213 43.61 39.46 -15.67
C ALA B 213 44.55 39.81 -14.51
N LEU B 214 44.41 39.09 -13.40
CA LEU B 214 45.27 39.31 -12.24
C LEU B 214 46.67 38.75 -12.49
N ALA B 215 46.77 37.71 -13.33
CA ALA B 215 48.06 37.17 -13.70
C ALA B 215 48.78 38.14 -14.63
N GLU B 216 48.01 38.78 -15.51
CA GLU B 216 48.55 39.70 -16.52
C GLU B 216 48.90 41.08 -15.97
N ASN B 217 48.28 41.52 -14.88
CA ASN B 217 48.60 42.86 -14.38
C ASN B 217 49.90 42.88 -13.59
N THR B 218 50.19 41.81 -12.87
CA THR B 218 51.44 41.68 -12.13
C THR B 218 52.43 40.72 -12.82
N ARG B 219 52.37 40.62 -14.15
CA ARG B 219 53.23 39.69 -14.87
C ARG B 219 54.67 40.21 -14.88
N NO3 C . -23.86 4.08 -38.86
O1 NO3 C . -24.61 5.06 -39.17
O2 NO3 C . -24.26 2.89 -39.05
O3 NO3 C . -22.72 4.29 -38.35
N NO3 D . 17.07 -9.67 40.45
O1 NO3 D . 16.29 -10.24 41.28
O2 NO3 D . 18.28 -10.02 40.36
O3 NO3 D . 16.61 -8.75 39.70
#